data_7FBQ
#
_entry.id   7FBQ
#
_cell.length_a   42.004
_cell.length_b   67.344
_cell.length_c   81.375
_cell.angle_alpha   90.000
_cell.angle_beta   90.000
_cell.angle_gamma   90.000
#
_symmetry.space_group_name_H-M   'P 21 21 21'
#
loop_
_entity.id
_entity.type
_entity.pdbx_description
1 polymer 'Chloride intracellular channel protein 1'
2 non-polymer 4-[[2-[(4-hydroxyphenyl)amino]-6-methyl-pyrimidin-4-yl]amino]phenol
3 water water
#
_entity_poly.entity_id   1
_entity_poly.type   'polypeptide(L)'
_entity_poly.pdbx_seq_one_letter_code
;GAMAEEQPQVELFVKAGSDGAKIGN(CSD)PFSQRLFMVLWLKGVTFNVTTVDTKRRTETVQKLCPGGQLPFLLYGTEVH
TDTNKIEEFLEAVLCPPRYPKLAALNPESNTAGLDIFAKFSAYIKNSNPALNDNLEKGLLKALKVLDNYLTSPLPEEVDE
TSAEDEGVSQRKFLDGNELTLADCNLLPKLHIVQVVCKKYRGFTIPEAFRGVHRYLSNAYAREEFASTCPDDEEIELAYE
QVAKALK
;
_entity_poly.pdbx_strand_id   A
#
loop_
_chem_comp.id
_chem_comp.type
_chem_comp.name
_chem_comp.formula
N70 non-polymer 4-[[2-[(4-hydroxyphenyl)amino]-6-methyl-pyrimidin-4-yl]amino]phenol 'C17 H16 N4 O2'
#
# COMPACT_ATOMS: atom_id res chain seq x y z
N GLN A 7 17.82 18.11 -11.67
CA GLN A 7 17.16 17.12 -10.82
C GLN A 7 18.19 16.31 -10.05
N PRO A 8 18.21 16.41 -8.72
CA PRO A 8 19.16 15.60 -7.94
C PRO A 8 18.91 14.10 -8.07
N GLN A 9 19.90 13.26 -7.74
CA GLN A 9 19.72 11.81 -7.81
C GLN A 9 18.63 11.37 -6.83
N VAL A 10 17.79 10.42 -7.26
CA VAL A 10 16.70 9.93 -6.42
C VAL A 10 16.87 8.42 -6.30
N GLU A 11 17.21 7.95 -5.11
CA GLU A 11 17.41 6.52 -4.91
C GLU A 11 16.60 6.03 -3.70
N LEU A 12 15.68 5.09 -3.96
CA LEU A 12 14.84 4.51 -2.93
C LEU A 12 15.47 3.21 -2.48
N PHE A 13 15.57 3.01 -1.17
CA PHE A 13 16.15 1.81 -0.62
C PHE A 13 15.01 1.03 0.03
N VAL A 14 14.76 -0.16 -0.49
CA VAL A 14 13.62 -0.97 -0.06
C VAL A 14 14.05 -2.35 0.51
N LYS A 15 13.10 -3.08 1.12
CA LYS A 15 13.38 -4.39 1.68
C LYS A 15 13.51 -5.46 0.62
N ALA A 16 14.61 -6.25 0.68
CA ALA A 16 14.82 -7.38 -0.23
C ALA A 16 14.09 -8.61 0.32
N GLY A 17 13.79 -9.57 -0.56
CA GLY A 17 13.07 -10.77 -0.21
C GLY A 17 13.92 -11.98 0.15
N SER A 18 13.34 -13.18 -0.06
CA SER A 18 13.87 -14.46 0.31
C SER A 18 15.25 -14.76 -0.25
N ASP A 19 15.58 -14.25 -1.44
CA ASP A 19 16.91 -14.48 -1.99
C ASP A 19 17.92 -13.35 -1.67
N GLY A 20 17.54 -12.42 -0.79
CA GLY A 20 18.38 -11.26 -0.45
C GLY A 20 18.54 -10.24 -1.58
N ALA A 21 17.79 -10.39 -2.70
CA ALA A 21 17.94 -9.49 -3.84
C ALA A 21 16.61 -8.96 -4.42
N LYS A 22 15.63 -9.83 -4.71
CA LYS A 22 14.34 -9.41 -5.26
C LYS A 22 13.52 -8.53 -4.29
N ILE A 23 12.42 -7.93 -4.77
CA ILE A 23 11.56 -7.12 -3.89
C ILE A 23 10.88 -8.05 -2.88
N GLY A 24 11.00 -7.72 -1.61
CA GLY A 24 10.40 -8.49 -0.55
C GLY A 24 9.08 -7.89 -0.10
N ASN A 25 8.43 -8.54 0.86
CA ASN A 25 7.17 -8.00 1.39
C ASN A 25 7.48 -6.71 2.19
N CSD A 26 6.78 -5.60 1.88
CA CSD A 26 6.92 -4.33 2.57
CB CSD A 26 8.39 -3.85 2.48
SG CSD A 26 8.61 -2.57 3.75
C CSD A 26 5.93 -3.34 1.94
O CSD A 26 6.18 -2.86 0.83
OD1 CSD A 26 9.93 -2.00 3.46
OD2 CSD A 26 7.77 -1.58 3.52
N PRO A 27 4.78 -3.02 2.61
CA PRO A 27 3.83 -2.08 1.99
C PRO A 27 4.31 -0.63 1.99
N PHE A 28 5.24 -0.27 2.90
CA PHE A 28 5.81 1.09 3.00
C PHE A 28 6.73 1.31 1.79
N SER A 29 7.57 0.33 1.48
CA SER A 29 8.44 0.38 0.29
C SER A 29 7.60 0.47 -0.97
N GLN A 30 6.50 -0.30 -1.05
CA GLN A 30 5.67 -0.26 -2.25
C GLN A 30 4.96 1.07 -2.37
N ARG A 31 4.47 1.62 -1.27
CA ARG A 31 3.85 2.97 -1.27
C ARG A 31 4.78 4.02 -1.93
N LEU A 32 6.05 4.11 -1.49
CA LEU A 32 7.02 5.07 -2.01
C LEU A 32 7.42 4.75 -3.45
N PHE A 33 7.47 3.46 -3.80
CA PHE A 33 7.77 3.06 -5.19
C PHE A 33 6.61 3.60 -6.11
N MET A 34 5.35 3.47 -5.63
CA MET A 34 4.19 3.95 -6.38
C MET A 34 4.20 5.45 -6.55
N VAL A 35 4.54 6.18 -5.47
CA VAL A 35 4.58 7.65 -5.51
C VAL A 35 5.59 8.13 -6.56
N LEU A 36 6.82 7.58 -6.52
CA LEU A 36 7.87 7.96 -7.45
C LEU A 36 7.49 7.63 -8.86
N TRP A 37 6.82 6.46 -9.08
CA TRP A 37 6.41 6.07 -10.42
C TRP A 37 5.33 7.05 -10.91
N LEU A 38 4.37 7.39 -10.04
CA LEU A 38 3.32 8.34 -10.45
C LEU A 38 3.84 9.74 -10.69
N LYS A 39 4.93 10.12 -10.04
CA LYS A 39 5.52 11.46 -10.23
C LYS A 39 6.16 11.61 -11.61
N GLY A 40 6.62 10.50 -12.19
CA GLY A 40 7.29 10.55 -13.49
C GLY A 40 8.75 10.95 -13.42
N VAL A 41 9.30 11.06 -12.19
CA VAL A 41 10.70 11.40 -11.93
C VAL A 41 11.65 10.23 -12.33
N THR A 42 12.91 10.54 -12.67
CA THR A 42 13.86 9.49 -12.93
C THR A 42 14.36 9.06 -11.57
N PHE A 43 14.23 7.76 -11.26
CA PHE A 43 14.70 7.26 -9.97
C PHE A 43 15.28 5.85 -10.08
N ASN A 44 16.01 5.44 -9.04
CA ASN A 44 16.58 4.10 -8.90
C ASN A 44 16.02 3.44 -7.64
N VAL A 45 15.94 2.11 -7.64
CA VAL A 45 15.49 1.35 -6.47
C VAL A 45 16.59 0.36 -6.14
N THR A 46 17.01 0.33 -4.88
CA THR A 46 18.04 -0.59 -4.42
C THR A 46 17.48 -1.43 -3.30
N THR A 47 17.47 -2.77 -3.46
CA THR A 47 16.93 -3.65 -2.42
C THR A 47 18.03 -3.91 -1.42
N VAL A 48 17.66 -4.00 -0.14
CA VAL A 48 18.56 -4.17 0.98
C VAL A 48 18.21 -5.44 1.73
N ASP A 49 19.18 -6.38 1.84
CA ASP A 49 18.99 -7.56 2.67
C ASP A 49 19.24 -7.00 4.06
N THR A 50 18.18 -6.85 4.84
CA THR A 50 18.29 -6.24 6.15
C THR A 50 19.28 -6.96 7.08
N LYS A 51 19.51 -8.24 6.86
CA LYS A 51 20.41 -9.03 7.67
C LYS A 51 21.85 -9.09 7.12
N ARG A 52 22.07 -8.65 5.88
CA ARG A 52 23.39 -8.64 5.24
C ARG A 52 23.51 -7.32 4.51
N ARG A 53 23.62 -6.22 5.25
CA ARG A 53 23.70 -4.90 4.65
C ARG A 53 25.06 -4.59 4.08
N THR A 54 25.09 -3.76 3.03
CA THR A 54 26.36 -3.33 2.44
C THR A 54 26.92 -2.20 3.30
N GLU A 55 28.24 -1.94 3.19
CA GLU A 55 28.86 -0.84 3.93
C GLU A 55 28.25 0.50 3.52
N THR A 56 27.87 0.65 2.25
CA THR A 56 27.24 1.88 1.73
C THR A 56 25.92 2.15 2.45
N VAL A 57 25.06 1.13 2.58
CA VAL A 57 23.76 1.24 3.25
C VAL A 57 23.98 1.45 4.74
N GLN A 58 24.91 0.68 5.36
CA GLN A 58 25.25 0.82 6.78
C GLN A 58 25.67 2.25 7.11
N LYS A 59 26.37 2.90 6.17
CA LYS A 59 26.80 4.28 6.34
C LYS A 59 25.68 5.28 6.11
N LEU A 60 24.90 5.12 5.02
CA LEU A 60 23.79 6.03 4.72
C LEU A 60 22.73 6.03 5.83
N CYS A 61 22.39 4.84 6.34
CA CYS A 61 21.33 4.70 7.32
C CYS A 61 21.75 3.81 8.46
N PRO A 62 22.53 4.36 9.42
CA PRO A 62 23.02 3.52 10.51
C PRO A 62 21.95 3.01 11.47
N GLY A 63 20.81 3.70 11.54
CA GLY A 63 19.71 3.31 12.40
C GLY A 63 19.00 2.02 11.98
N GLY A 64 19.19 1.62 10.74
CA GLY A 64 18.60 0.39 10.22
C GLY A 64 17.20 0.55 9.64
N GLN A 65 16.68 1.78 9.57
CA GLN A 65 15.33 2.03 9.04
C GLN A 65 15.23 1.62 7.58
N LEU A 66 14.10 1.00 7.21
CA LEU A 66 13.79 0.57 5.85
C LEU A 66 12.26 0.70 5.67
N PRO A 67 11.77 1.38 4.60
CA PRO A 67 12.54 1.99 3.52
C PRO A 67 13.18 3.31 3.89
N PHE A 68 14.12 3.77 3.05
CA PHE A 68 14.74 5.08 3.19
C PHE A 68 15.03 5.65 1.81
N LEU A 69 15.18 6.97 1.73
CA LEU A 69 15.38 7.64 0.45
C LEU A 69 16.61 8.49 0.45
N LEU A 70 17.41 8.42 -0.61
CA LEU A 70 18.56 9.28 -0.81
C LEU A 70 18.16 10.26 -1.91
N TYR A 71 18.04 11.54 -1.58
CA TYR A 71 17.69 12.57 -2.56
C TYR A 71 18.86 13.53 -2.53
N GLY A 72 19.58 13.65 -3.65
CA GLY A 72 20.79 14.46 -3.70
C GLY A 72 21.85 13.79 -2.85
N THR A 73 22.21 14.42 -1.73
CA THR A 73 23.15 13.81 -0.78
C THR A 73 22.51 13.51 0.59
N GLU A 74 21.21 13.86 0.78
CA GLU A 74 20.54 13.67 2.06
C GLU A 74 19.71 12.38 2.14
N VAL A 75 19.74 11.73 3.31
CA VAL A 75 18.99 10.52 3.60
C VAL A 75 17.71 10.91 4.35
N HIS A 76 16.56 10.38 3.90
CA HIS A 76 15.26 10.69 4.49
C HIS A 76 14.66 9.38 5.02
N THR A 77 14.22 9.38 6.28
CA THR A 77 13.59 8.21 6.91
C THR A 77 12.13 8.57 7.29
N ASP A 78 11.31 7.55 7.65
CA ASP A 78 9.89 7.67 8.00
C ASP A 78 9.09 7.83 6.73
N THR A 79 8.39 6.79 6.31
CA THR A 79 7.63 6.79 5.06
C THR A 79 6.69 7.99 4.93
N ASN A 80 5.95 8.34 6.00
CA ASN A 80 5.02 9.46 5.93
C ASN A 80 5.75 10.77 5.61
N LYS A 81 6.95 10.95 6.17
CA LYS A 81 7.76 12.14 5.96
C LYS A 81 8.43 12.16 4.60
N ILE A 82 8.89 10.99 4.11
CA ILE A 82 9.48 10.88 2.76
C ILE A 82 8.43 11.26 1.71
N GLU A 83 7.20 10.76 1.88
CA GLU A 83 6.11 11.05 0.94
C GLU A 83 5.76 12.54 0.95
N GLU A 84 5.69 13.13 2.14
CA GLU A 84 5.41 14.54 2.27
C GLU A 84 6.48 15.38 1.55
N PHE A 85 7.77 15.00 1.69
CA PHE A 85 8.90 15.67 1.03
C PHE A 85 8.78 15.55 -0.49
N LEU A 86 8.57 14.31 -1.00
CA LEU A 86 8.45 14.07 -2.43
C LEU A 86 7.27 14.82 -3.05
N GLU A 87 6.13 14.87 -2.37
CA GLU A 87 4.96 15.60 -2.86
C GLU A 87 5.28 17.10 -3.00
N ALA A 88 6.03 17.64 -2.03
CA ALA A 88 6.43 19.03 -2.04
C ALA A 88 7.51 19.40 -3.08
N VAL A 89 8.60 18.60 -3.20
CA VAL A 89 9.70 18.96 -4.09
C VAL A 89 9.48 18.50 -5.53
N LEU A 90 8.71 17.42 -5.75
CA LEU A 90 8.38 17.00 -7.10
C LEU A 90 6.99 17.53 -7.35
N CYS A 91 6.89 18.76 -7.87
CA CYS A 91 5.62 19.44 -7.98
C CYS A 91 5.39 20.12 -9.35
N PRO A 92 4.14 20.57 -9.65
CA PRO A 92 3.91 21.24 -10.94
C PRO A 92 4.75 22.50 -11.17
N PRO A 93 5.02 22.85 -12.44
CA PRO A 93 4.52 22.20 -13.66
C PRO A 93 5.26 20.95 -14.11
N ARG A 94 6.46 20.69 -13.56
CA ARG A 94 7.29 19.54 -13.99
C ARG A 94 6.71 18.17 -13.58
N TYR A 95 6.13 18.07 -12.37
CA TYR A 95 5.60 16.81 -11.88
C TYR A 95 4.17 16.98 -11.38
N PRO A 96 3.32 15.95 -11.54
CA PRO A 96 1.93 16.08 -11.07
C PRO A 96 1.77 16.12 -9.56
N LYS A 97 0.79 16.91 -9.09
CA LYS A 97 0.43 16.98 -7.69
C LYS A 97 -0.35 15.70 -7.41
N LEU A 98 0.06 14.92 -6.40
CA LEU A 98 -0.61 13.65 -6.11
C LEU A 98 -1.53 13.66 -4.90
N ALA A 99 -1.47 14.71 -4.06
CA ALA A 99 -2.27 14.78 -2.85
C ALA A 99 -3.74 14.74 -3.15
N ALA A 100 -4.50 14.01 -2.32
CA ALA A 100 -5.96 13.97 -2.49
C ALA A 100 -6.56 15.34 -2.18
N LEU A 101 -7.66 15.65 -2.84
CA LEU A 101 -8.38 16.89 -2.60
C LEU A 101 -9.32 16.76 -1.37
N ASN A 102 -9.91 15.56 -1.17
CA ASN A 102 -10.82 15.29 -0.05
C ASN A 102 -10.07 14.64 1.12
N PRO A 103 -9.97 15.30 2.29
CA PRO A 103 -9.24 14.69 3.43
C PRO A 103 -9.69 13.28 3.82
N GLU A 104 -10.99 12.96 3.71
CA GLU A 104 -11.49 11.62 4.05
C GLU A 104 -10.91 10.51 3.18
N SER A 105 -10.39 10.85 1.99
CA SER A 105 -9.75 9.83 1.13
C SER A 105 -8.47 9.31 1.77
N ASN A 106 -7.81 10.12 2.62
CA ASN A 106 -6.57 9.78 3.32
C ASN A 106 -6.80 8.88 4.54
N THR A 107 -8.04 8.72 4.99
CA THR A 107 -8.33 7.89 6.16
C THR A 107 -9.22 6.69 5.82
N ALA A 108 -9.93 6.71 4.68
CA ALA A 108 -10.80 5.59 4.32
C ALA A 108 -10.00 4.28 4.21
N GLY A 109 -10.48 3.25 4.88
CA GLY A 109 -9.87 1.93 4.89
C GLY A 109 -8.55 1.78 5.62
N LEU A 110 -8.04 2.83 6.29
CA LEU A 110 -6.72 2.70 6.94
C LEU A 110 -6.71 1.73 8.14
N ASP A 111 -7.87 1.43 8.71
CA ASP A 111 -7.94 0.44 9.79
C ASP A 111 -7.94 -1.02 9.27
N ILE A 112 -8.17 -1.24 7.97
CA ILE A 112 -8.19 -2.61 7.42
C ILE A 112 -6.89 -3.38 7.73
N PHE A 113 -5.73 -2.74 7.51
CA PHE A 113 -4.46 -3.43 7.75
C PHE A 113 -4.30 -3.88 9.21
N ALA A 114 -4.68 -3.04 10.19
CA ALA A 114 -4.57 -3.46 11.61
C ALA A 114 -5.54 -4.60 11.96
N LYS A 115 -6.76 -4.58 11.42
CA LYS A 115 -7.76 -5.64 11.59
C LYS A 115 -7.23 -6.95 10.95
N PHE A 116 -6.58 -6.83 9.79
CA PHE A 116 -5.96 -8.00 9.12
C PHE A 116 -4.83 -8.57 9.99
N SER A 117 -3.97 -7.71 10.54
CA SER A 117 -2.84 -8.16 11.35
C SER A 117 -3.31 -8.93 12.56
N ALA A 118 -4.39 -8.46 13.20
CA ALA A 118 -4.91 -9.14 14.39
C ALA A 118 -5.47 -10.51 13.99
N TYR A 119 -6.22 -10.57 12.88
CA TYR A 119 -6.79 -11.78 12.33
C TYR A 119 -5.72 -12.82 11.93
N ILE A 120 -4.65 -12.39 11.26
CA ILE A 120 -3.64 -13.31 10.74
C ILE A 120 -2.64 -13.79 11.80
N LYS A 121 -2.36 -12.96 12.80
CA LYS A 121 -1.41 -13.34 13.86
C LYS A 121 -2.06 -14.14 15.00
N ASN A 122 -3.38 -14.13 15.06
CA ASN A 122 -4.12 -14.85 16.08
C ASN A 122 -3.91 -16.37 16.02
N SER A 123 -3.76 -16.99 17.19
CA SER A 123 -3.67 -18.44 17.27
C SER A 123 -4.78 -19.05 18.21
N ASN A 124 -5.69 -18.22 18.74
CA ASN A 124 -6.80 -18.63 19.57
C ASN A 124 -8.00 -18.97 18.66
N PRO A 125 -8.34 -20.27 18.56
CA PRO A 125 -9.46 -20.65 17.67
C PRO A 125 -10.79 -20.00 18.03
N ALA A 126 -10.99 -19.63 19.30
CA ALA A 126 -12.24 -19.00 19.75
C ALA A 126 -12.39 -17.52 19.27
N LEU A 127 -11.31 -16.93 18.78
CA LEU A 127 -11.35 -15.54 18.29
C LEU A 127 -11.35 -15.44 16.78
N ASN A 128 -11.18 -16.56 16.05
CA ASN A 128 -11.11 -16.52 14.60
C ASN A 128 -12.29 -15.82 13.94
N ASP A 129 -13.50 -16.21 14.30
CA ASP A 129 -14.70 -15.60 13.73
C ASP A 129 -14.85 -14.11 14.04
N ASN A 130 -14.55 -13.72 15.27
CA ASN A 130 -14.65 -12.33 15.68
C ASN A 130 -13.67 -11.46 14.89
N LEU A 131 -12.41 -11.90 14.80
CA LEU A 131 -11.39 -11.15 14.08
C LEU A 131 -11.69 -11.09 12.58
N GLU A 132 -12.27 -12.16 12.02
CA GLU A 132 -12.69 -12.17 10.62
C GLU A 132 -13.83 -11.17 10.44
N LYS A 133 -14.77 -11.12 11.41
CA LYS A 133 -15.87 -10.17 11.35
C LYS A 133 -15.33 -8.72 11.43
N GLY A 134 -14.30 -8.50 12.25
CA GLY A 134 -13.66 -7.19 12.37
C GLY A 134 -13.04 -6.72 11.07
N LEU A 135 -12.41 -7.63 10.33
CA LEU A 135 -11.79 -7.36 9.02
C LEU A 135 -12.89 -7.08 7.97
N LEU A 136 -13.94 -7.90 7.96
CA LEU A 136 -15.08 -7.73 7.06
C LEU A 136 -15.76 -6.39 7.29
N LYS A 137 -15.94 -5.99 8.54
CA LYS A 137 -16.57 -4.70 8.85
C LYS A 137 -15.72 -3.56 8.39
N ALA A 138 -14.38 -3.63 8.58
CA ALA A 138 -13.50 -2.57 8.12
C ALA A 138 -13.53 -2.45 6.60
N LEU A 139 -13.64 -3.58 5.91
CA LEU A 139 -13.72 -3.59 4.46
C LEU A 139 -15.08 -3.00 4.00
N LYS A 140 -16.15 -3.23 4.78
CA LYS A 140 -17.47 -2.67 4.44
C LYS A 140 -17.44 -1.15 4.54
N VAL A 141 -16.79 -0.58 5.56
CA VAL A 141 -16.65 0.86 5.69
C VAL A 141 -15.92 1.47 4.50
N LEU A 142 -14.83 0.80 4.04
CA LEU A 142 -14.13 1.24 2.81
C LEU A 142 -15.07 1.14 1.63
N ASP A 143 -15.86 0.06 1.54
CA ASP A 143 -16.83 -0.13 0.46
C ASP A 143 -17.83 1.05 0.42
N ASN A 144 -18.27 1.51 1.61
CA ASN A 144 -19.20 2.64 1.75
C ASN A 144 -18.56 3.93 1.29
N TYR A 145 -17.26 4.12 1.55
CA TYR A 145 -16.56 5.31 1.07
C TYR A 145 -16.50 5.32 -0.45
N LEU A 146 -16.23 4.15 -1.05
CA LEU A 146 -16.09 3.97 -2.49
C LEU A 146 -17.40 4.06 -3.26
N THR A 147 -18.53 3.72 -2.63
CA THR A 147 -19.82 3.84 -3.32
C THR A 147 -20.48 5.18 -3.03
N SER A 148 -20.00 5.95 -2.05
CA SER A 148 -20.56 7.24 -1.73
C SER A 148 -20.03 8.29 -2.67
N PRO A 149 -20.91 9.01 -3.35
CA PRO A 149 -20.43 10.07 -4.26
C PRO A 149 -19.59 11.11 -3.54
N LEU A 150 -18.46 11.48 -4.15
CA LEU A 150 -17.59 12.51 -3.63
C LEU A 150 -18.20 13.88 -3.94
N PRO A 151 -17.70 14.99 -3.36
CA PRO A 151 -18.26 16.30 -3.71
C PRO A 151 -18.28 16.58 -5.23
N GLU A 152 -17.26 16.14 -5.97
CA GLU A 152 -17.22 16.35 -7.43
C GLU A 152 -18.45 15.76 -8.15
N GLU A 153 -18.97 14.65 -7.63
CA GLU A 153 -20.08 13.93 -8.23
C GLU A 153 -21.45 14.36 -7.72
N VAL A 154 -21.55 15.51 -7.01
CA VAL A 154 -22.82 15.92 -6.41
C VAL A 154 -23.99 15.92 -7.39
N ASP A 155 -25.03 15.15 -7.07
CA ASP A 155 -26.25 15.03 -7.85
C ASP A 155 -25.95 14.69 -9.32
N GLU A 156 -24.90 13.89 -9.56
CA GLU A 156 -24.54 13.49 -10.93
C GLU A 156 -25.26 12.21 -11.30
N GLU A 160 -25.59 4.51 -14.36
CA GLU A 160 -25.86 5.58 -13.40
C GLU A 160 -26.97 5.20 -12.43
N ASP A 161 -26.62 5.03 -11.16
CA ASP A 161 -27.60 4.75 -10.12
C ASP A 161 -27.55 5.80 -9.06
N GLU A 162 -28.70 6.13 -8.51
CA GLU A 162 -28.79 7.17 -7.49
C GLU A 162 -28.00 6.83 -6.26
N GLY A 163 -27.18 7.78 -5.86
CA GLY A 163 -26.35 7.67 -4.67
C GLY A 163 -25.18 6.72 -4.79
N VAL A 164 -24.93 6.18 -5.99
CA VAL A 164 -23.84 5.24 -6.18
C VAL A 164 -22.75 5.91 -7.01
N SER A 165 -21.56 5.97 -6.44
CA SER A 165 -20.41 6.56 -7.08
C SER A 165 -19.93 5.67 -8.22
N GLN A 166 -19.35 6.28 -9.24
CA GLN A 166 -18.79 5.54 -10.36
C GLN A 166 -17.27 5.80 -10.53
N ARG A 167 -16.65 6.61 -9.67
CA ARG A 167 -15.23 6.94 -9.80
C ARG A 167 -14.31 5.70 -9.70
N LYS A 168 -13.12 5.80 -10.31
CA LYS A 168 -12.18 4.69 -10.31
C LYS A 168 -11.46 4.47 -8.98
N PHE A 169 -11.02 5.56 -8.32
CA PHE A 169 -10.17 5.42 -7.14
C PHE A 169 -10.73 6.12 -5.89
N LEU A 170 -9.96 6.14 -4.78
CA LEU A 170 -10.43 6.77 -3.53
C LEU A 170 -10.92 8.21 -3.69
N ASP A 171 -10.17 9.04 -4.40
CA ASP A 171 -10.43 10.48 -4.44
C ASP A 171 -10.96 11.03 -5.74
N GLY A 172 -11.17 10.18 -6.71
CA GLY A 172 -11.60 10.59 -8.03
C GLY A 172 -11.14 9.59 -9.07
N ASN A 173 -10.95 10.04 -10.29
CA ASN A 173 -10.54 9.15 -11.38
C ASN A 173 -9.00 9.06 -11.59
N GLU A 174 -8.21 9.74 -10.74
CA GLU A 174 -6.75 9.69 -10.81
C GLU A 174 -6.18 9.04 -9.52
N LEU A 175 -5.05 8.34 -9.63
CA LEU A 175 -4.39 7.75 -8.44
C LEU A 175 -3.82 8.89 -7.61
N THR A 176 -4.01 8.84 -6.29
CA THR A 176 -3.50 9.87 -5.39
C THR A 176 -2.58 9.21 -4.33
N LEU A 177 -1.89 10.03 -3.50
CA LEU A 177 -1.07 9.51 -2.38
C LEU A 177 -1.92 8.58 -1.49
N ALA A 178 -3.25 8.85 -1.39
CA ALA A 178 -4.14 7.99 -0.58
C ALA A 178 -4.16 6.54 -1.13
N ASP A 179 -4.19 6.39 -2.47
CA ASP A 179 -4.18 5.03 -3.05
C ASP A 179 -2.79 4.37 -2.87
N CYS A 180 -1.72 5.17 -2.88
CA CYS A 180 -0.36 4.65 -2.69
C CYS A 180 -0.19 4.02 -1.34
N ASN A 181 -0.89 4.55 -0.31
CA ASN A 181 -0.78 3.98 1.02
C ASN A 181 -1.67 2.76 1.16
N LEU A 182 -2.94 2.85 0.73
CA LEU A 182 -3.90 1.77 0.90
C LEU A 182 -3.71 0.54 0.00
N LEU A 183 -3.44 0.75 -1.28
CA LEU A 183 -3.35 -0.39 -2.21
C LEU A 183 -2.30 -1.47 -1.83
N PRO A 184 -1.05 -1.12 -1.46
CA PRO A 184 -0.08 -2.15 -1.06
C PRO A 184 -0.56 -2.95 0.16
N LYS A 185 -1.27 -2.28 1.10
CA LYS A 185 -1.82 -2.98 2.26
C LYS A 185 -2.96 -3.93 1.83
N LEU A 186 -3.88 -3.46 0.96
CA LEU A 186 -4.96 -4.34 0.49
C LEU A 186 -4.40 -5.51 -0.30
N HIS A 187 -3.30 -5.31 -1.04
CA HIS A 187 -2.67 -6.40 -1.79
C HIS A 187 -2.20 -7.49 -0.82
N ILE A 188 -1.56 -7.09 0.29
CA ILE A 188 -1.09 -8.08 1.28
C ILE A 188 -2.29 -8.81 1.90
N VAL A 189 -3.33 -8.06 2.31
CA VAL A 189 -4.54 -8.65 2.89
C VAL A 189 -5.10 -9.76 1.98
N GLN A 190 -5.30 -9.44 0.69
CA GLN A 190 -5.81 -10.44 -0.25
C GLN A 190 -4.93 -11.67 -0.37
N VAL A 191 -3.62 -11.49 -0.64
CA VAL A 191 -2.71 -12.62 -0.86
C VAL A 191 -2.58 -13.51 0.38
N VAL A 192 -2.36 -12.89 1.55
CA VAL A 192 -2.19 -13.67 2.77
C VAL A 192 -3.47 -14.40 3.19
N CYS A 193 -4.63 -13.71 3.18
CA CYS A 193 -5.89 -14.36 3.60
C CYS A 193 -6.31 -15.52 2.67
N LYS A 194 -6.07 -15.37 1.37
CA LYS A 194 -6.38 -16.43 0.39
C LYS A 194 -5.55 -17.68 0.70
N LYS A 195 -4.25 -17.49 0.96
CA LYS A 195 -3.32 -18.58 1.22
C LYS A 195 -3.54 -19.28 2.55
N TYR A 196 -3.76 -18.51 3.65
CA TYR A 196 -3.81 -19.11 4.97
C TYR A 196 -5.12 -19.06 5.74
N ARG A 197 -6.17 -18.42 5.21
CA ARG A 197 -7.43 -18.33 5.95
C ARG A 197 -8.65 -18.78 5.17
N GLY A 198 -8.48 -19.17 3.91
CA GLY A 198 -9.62 -19.50 3.06
C GLY A 198 -10.54 -18.29 2.86
N PHE A 199 -9.99 -17.07 3.01
CA PHE A 199 -10.74 -15.81 2.99
C PHE A 199 -10.56 -15.00 1.72
N THR A 200 -11.68 -14.53 1.17
CA THR A 200 -11.70 -13.65 0.02
C THR A 200 -12.59 -12.46 0.35
N ILE A 201 -12.31 -11.27 -0.22
CA ILE A 201 -13.19 -10.11 -0.01
C ILE A 201 -14.52 -10.39 -0.69
N PRO A 202 -15.64 -10.37 0.06
CA PRO A 202 -16.95 -10.71 -0.52
C PRO A 202 -17.27 -10.00 -1.82
N GLU A 203 -17.79 -10.75 -2.81
CA GLU A 203 -18.20 -10.20 -4.10
C GLU A 203 -19.25 -9.11 -3.95
N ALA A 204 -20.07 -9.18 -2.89
CA ALA A 204 -21.08 -8.15 -2.64
C ALA A 204 -20.47 -6.78 -2.36
N PHE A 205 -19.19 -6.71 -1.95
CA PHE A 205 -18.54 -5.41 -1.72
C PHE A 205 -18.10 -4.92 -3.11
N ARG A 206 -19.06 -4.42 -3.91
CA ARG A 206 -18.83 -4.00 -5.29
C ARG A 206 -17.94 -2.77 -5.44
N GLY A 207 -17.99 -1.90 -4.46
CA GLY A 207 -17.13 -0.72 -4.45
C GLY A 207 -15.67 -1.13 -4.30
N VAL A 208 -15.40 -2.05 -3.38
CA VAL A 208 -14.03 -2.54 -3.19
C VAL A 208 -13.52 -3.28 -4.44
N HIS A 209 -14.34 -4.19 -5.02
CA HIS A 209 -13.90 -4.93 -6.21
C HIS A 209 -13.72 -4.02 -7.45
N ARG A 210 -14.54 -3.01 -7.64
CA ARG A 210 -14.38 -2.08 -8.77
C ARG A 210 -13.07 -1.30 -8.59
N TYR A 211 -12.79 -0.89 -7.34
CA TYR A 211 -11.57 -0.17 -7.01
C TYR A 211 -10.34 -1.03 -7.29
N LEU A 212 -10.33 -2.28 -6.79
CA LEU A 212 -9.23 -3.20 -7.05
C LEU A 212 -9.09 -3.47 -8.55
N SER A 213 -10.22 -3.58 -9.28
CA SER A 213 -10.17 -3.83 -10.73
C SER A 213 -9.51 -2.70 -11.47
N ASN A 214 -9.86 -1.45 -11.13
CA ASN A 214 -9.24 -0.30 -11.75
C ASN A 214 -7.75 -0.22 -11.35
N ALA A 215 -7.44 -0.52 -10.08
CA ALA A 215 -6.08 -0.44 -9.56
C ALA A 215 -5.11 -1.45 -10.21
N TYR A 216 -5.51 -2.74 -10.28
CA TYR A 216 -4.64 -3.75 -10.92
C TYR A 216 -4.44 -3.53 -12.42
N ALA A 217 -5.33 -2.77 -13.06
CA ALA A 217 -5.15 -2.40 -14.47
C ALA A 217 -4.07 -1.30 -14.64
N ARG A 218 -3.62 -0.67 -13.54
CA ARG A 218 -2.61 0.37 -13.62
C ARG A 218 -1.24 -0.20 -13.28
N GLU A 219 -0.27 -0.11 -14.18
CA GLU A 219 1.05 -0.65 -13.93
C GLU A 219 1.75 -0.04 -12.71
N GLU A 220 1.41 1.21 -12.32
CA GLU A 220 2.05 1.81 -11.15
C GLU A 220 1.80 0.97 -9.87
N PHE A 221 0.63 0.27 -9.80
CA PHE A 221 0.33 -0.57 -8.67
C PHE A 221 0.75 -2.02 -8.98
N ALA A 222 0.24 -2.59 -10.09
CA ALA A 222 0.52 -3.99 -10.42
C ALA A 222 2.01 -4.29 -10.52
N SER A 223 2.78 -3.41 -11.15
CA SER A 223 4.21 -3.67 -11.35
C SER A 223 5.08 -3.35 -10.16
N THR A 224 4.52 -2.73 -9.11
CA THR A 224 5.27 -2.49 -7.88
C THR A 224 4.98 -3.56 -6.79
N CYS A 225 4.05 -4.48 -7.06
CA CYS A 225 3.74 -5.54 -6.12
C CYS A 225 4.90 -6.48 -6.01
N PRO A 226 5.28 -6.85 -4.79
CA PRO A 226 6.21 -7.99 -4.63
C PRO A 226 5.53 -9.25 -5.16
N ASP A 227 6.31 -10.29 -5.52
CA ASP A 227 5.72 -11.56 -5.99
C ASP A 227 4.88 -12.17 -4.88
N ASP A 228 3.77 -12.88 -5.23
CA ASP A 228 2.90 -13.53 -4.23
C ASP A 228 3.69 -14.38 -3.27
N GLU A 229 4.65 -15.19 -3.79
CA GLU A 229 5.46 -16.05 -2.92
C GLU A 229 6.18 -15.26 -1.83
N GLU A 230 6.73 -14.10 -2.15
CA GLU A 230 7.43 -13.29 -1.17
C GLU A 230 6.51 -12.85 -0.02
N ILE A 231 5.29 -12.44 -0.34
CA ILE A 231 4.32 -12.03 0.68
C ILE A 231 3.90 -13.25 1.51
N GLU A 232 3.59 -14.37 0.85
CA GLU A 232 3.20 -15.60 1.54
C GLU A 232 4.30 -16.08 2.50
N LEU A 233 5.57 -16.04 2.05
CA LEU A 233 6.69 -16.44 2.90
C LEU A 233 6.87 -15.49 4.07
N ALA A 234 6.63 -14.17 3.87
CA ALA A 234 6.81 -13.22 4.98
C ALA A 234 5.81 -13.44 6.11
N TYR A 235 4.59 -13.95 5.76
CA TYR A 235 3.51 -14.18 6.73
C TYR A 235 3.37 -15.65 7.13
N GLU A 236 4.16 -16.53 6.56
CA GLU A 236 4.05 -17.97 6.86
C GLU A 236 4.04 -18.32 8.33
N GLN A 237 5.02 -17.84 9.13
CA GLN A 237 5.15 -18.19 10.53
C GLN A 237 3.96 -17.76 11.37
N VAL A 238 3.53 -16.46 11.23
CA VAL A 238 2.40 -16.02 12.05
C VAL A 238 1.10 -16.67 11.59
N ALA A 239 0.90 -16.82 10.28
CA ALA A 239 -0.37 -17.30 9.75
C ALA A 239 -0.59 -18.77 9.95
N LYS A 240 0.50 -19.56 10.06
CA LYS A 240 0.33 -21.00 10.29
C LYS A 240 0.16 -21.36 11.77
N ALA A 241 0.26 -20.38 12.69
CA ALA A 241 0.16 -20.64 14.12
C ALA A 241 -1.22 -21.14 14.52
N LEU A 242 -2.29 -20.64 13.89
CA LEU A 242 -3.64 -21.08 14.24
C LEU A 242 -3.85 -22.51 13.77
N LYS A 243 -4.01 -23.44 14.73
CA LYS A 243 -4.21 -24.88 14.43
C LYS A 243 -5.69 -25.28 14.56
O1 N70 B . -11.11 -6.35 -14.59
C14 N70 B . -9.84 -6.69 -14.19
C13 N70 B . -8.78 -6.68 -15.09
C12 N70 B . -7.53 -7.11 -14.69
C15 N70 B . -9.64 -7.10 -12.88
C16 N70 B . -8.37 -7.52 -12.48
C11 N70 B . -7.32 -7.53 -13.37
N3 N70 B . -6.02 -7.94 -12.97
C3 N70 B . -5.56 -8.42 -11.76
C2 N70 B . -4.19 -8.70 -11.61
N N70 B . -6.42 -8.59 -10.76
C4 N70 B . -5.92 -9.02 -9.58
N1 N70 B . -4.62 -9.32 -9.34
C1 N70 B . -3.77 -9.17 -10.37
C N70 B . -2.35 -9.56 -10.12
N2 N70 B . -6.78 -9.09 -8.53
C5 N70 B . -8.18 -8.88 -8.39
C10 N70 B . -8.97 -8.80 -9.54
C9 N70 B . -10.30 -8.43 -9.43
C8 N70 B . -10.85 -8.14 -8.19
O N70 B . -12.15 -7.74 -8.14
C7 N70 B . -10.07 -8.25 -7.05
C6 N70 B . -8.74 -8.62 -7.15
#